data_1YJD
#
_entry.id   1YJD
#
_cell.length_a   191.219
_cell.length_b   47.417
_cell.length_c   71.842
_cell.angle_alpha   90.00
_cell.angle_beta   94.45
_cell.angle_gamma   90.00
#
_symmetry.space_group_name_H-M   'C 1 2 1'
#
loop_
_entity.id
_entity.type
_entity.pdbx_description
1 polymer 'Fab fragment of 5.11A1 antibody light chain'
2 polymer 'Fab fragment of 5.11A1 antibody heavy chain'
3 polymer 'T-cell-specific surface glycoprotein CD28'
4 non-polymer 2-acetamido-2-deoxy-beta-D-glucopyranose
5 water water
#
loop_
_entity_poly.entity_id
_entity_poly.type
_entity_poly.pdbx_seq_one_letter_code
_entity_poly.pdbx_strand_id
1 'polypeptide(L)'
;DIQMNQSPSSLSASLGDTITITCHASQNIYVWLNWYQQKPGNIPKLLIYKASNLHTGVPSRFSGSGSGTGFTLTISSLQP
EDIATYYCQQGQTYPYTFGGGTKLEIKRADAAPTVSIFPPSSEQLTSGGASVVCFLNNFYPKDINVKWKIDGSERQNGVL
NSWTDQDSKDSTYSMSSTLTLTKDEYERHNSYTCEATHKTSTSPIVKSFNRN
;
L
2 'polypeptide(L)'
;QVQLQQSGPELVKPGTSVRISCEASGYTFTSYYIHWVKQRPGQGLEWIGCIYPGNVNTNYNEKFKDKATLIVDTSSNTAY
MQLSRMTSEDSAVYFCTRSHYGLDWNFDVWGAGTTVTVSSAKTTPPSVYPLAPGSAAQTNSMVTLGCLVKGYFPEPVTVT
WNSGSLSSGVHTFPAVLQSDLYTLSSSVTVPSSTWPSETVTCNVAHPASSTKVDKKIVPRDC
;
H
3 'polypeptide(L)'
;TGNKILVKQSPMLVAYDNAVNLSCKYSYNLFSREFRASLHKGLDSAVEVCVVYGNYSQQLQVYSKTGFNCDGKLGNESVT
FYLQNLYVNQTDIYFCKIEVMYPPPYLDNEKSNGTIIHVKGKHLCPSPLFPGPSKPLVPR
;
C
#
# COMPACT_ATOMS: atom_id res chain seq x y z
N ASP A 1 -3.96 -12.04 -18.68
CA ASP A 1 -2.70 -11.29 -18.47
C ASP A 1 -1.59 -12.16 -17.90
N ILE A 2 -0.52 -11.51 -17.42
CA ILE A 2 0.63 -12.20 -16.85
C ILE A 2 0.43 -12.50 -15.37
N GLN A 3 0.93 -13.64 -14.91
CA GLN A 3 0.74 -14.04 -13.51
C GLN A 3 2.01 -13.88 -12.66
N MET A 4 1.86 -13.30 -11.48
CA MET A 4 2.98 -13.08 -10.57
C MET A 4 2.96 -14.11 -9.42
N ASN A 5 3.98 -14.96 -9.35
CA ASN A 5 4.02 -15.98 -8.29
C ASN A 5 5.16 -15.82 -7.30
N GLN A 6 4.91 -15.06 -6.24
CA GLN A 6 5.96 -14.84 -5.24
C GLN A 6 6.12 -16.11 -4.45
N SER A 7 7.34 -16.39 -4.00
CA SER A 7 7.58 -17.62 -3.28
C SER A 7 7.26 -17.60 -1.79
N PRO A 8 8.23 -17.27 -0.92
CA PRO A 8 7.81 -17.31 0.49
C PRO A 8 6.60 -16.43 0.74
N SER A 9 5.47 -17.01 1.13
CA SER A 9 4.26 -16.22 1.40
C SER A 9 4.50 -15.52 2.73
N SER A 10 5.47 -16.03 3.47
CA SER A 10 5.84 -15.46 4.77
C SER A 10 7.26 -15.90 5.13
N LEU A 11 7.89 -15.24 6.10
CA LEU A 11 9.26 -15.60 6.46
C LEU A 11 9.76 -14.87 7.68
N SER A 12 10.35 -15.62 8.59
CA SER A 12 10.92 -15.08 9.81
C SER A 12 12.43 -15.25 9.76
N ALA A 13 13.18 -14.20 10.11
CA ALA A 13 14.63 -14.26 10.12
C ALA A 13 15.17 -13.38 11.25
N SER A 14 16.40 -13.67 11.70
CA SER A 14 16.99 -12.91 12.80
C SER A 14 17.76 -11.65 12.37
N LEU A 15 18.06 -10.80 13.33
CA LEU A 15 18.80 -9.58 13.05
C LEU A 15 20.10 -9.88 12.33
N GLY A 16 20.29 -9.27 11.17
CA GLY A 16 21.53 -9.47 10.42
C GLY A 16 21.48 -10.61 9.41
N ASP A 17 20.38 -11.35 9.41
CA ASP A 17 20.19 -12.47 8.49
C ASP A 17 20.04 -11.98 7.06
N THR A 18 20.60 -12.70 6.10
CA THR A 18 20.48 -12.34 4.70
C THR A 18 19.43 -13.18 3.95
N ILE A 19 18.16 -12.86 4.14
CA ILE A 19 17.06 -13.60 3.52
C ILE A 19 16.96 -13.41 2.03
N THR A 20 15.99 -14.08 1.43
CA THR A 20 15.77 -13.96 -0.01
C THR A 20 14.34 -14.35 -0.41
N ILE A 21 13.77 -13.61 -1.36
CA ILE A 21 12.40 -13.84 -1.84
C ILE A 21 12.49 -14.16 -3.31
N THR A 22 11.46 -14.79 -3.86
CA THR A 22 11.46 -15.16 -5.26
C THR A 22 10.13 -14.78 -5.89
N CYS A 23 10.16 -14.44 -7.17
CA CYS A 23 8.95 -14.11 -7.92
C CYS A 23 9.06 -14.65 -9.33
N HIS A 24 8.28 -15.68 -9.64
CA HIS A 24 8.28 -16.27 -10.96
C HIS A 24 7.13 -15.71 -11.78
N ALA A 25 7.37 -15.47 -13.06
CA ALA A 25 6.37 -14.91 -13.96
C ALA A 25 5.88 -15.97 -14.96
N SER A 26 4.57 -16.06 -15.16
CA SER A 26 4.03 -17.06 -16.06
C SER A 26 4.77 -17.06 -17.38
N GLN A 27 4.94 -15.88 -17.95
CA GLN A 27 5.66 -15.76 -19.22
C GLN A 27 6.76 -14.70 -19.16
N ASN A 28 7.37 -14.45 -20.31
CA ASN A 28 8.51 -13.53 -20.39
C ASN A 28 8.17 -12.04 -20.21
N ILE A 29 8.72 -11.44 -19.16
CA ILE A 29 8.52 -10.02 -18.86
C ILE A 29 9.86 -9.28 -19.05
N TYR A 30 10.87 -10.03 -19.47
CA TYR A 30 12.20 -9.50 -19.70
C TYR A 30 12.81 -8.97 -18.41
N VAL A 31 13.00 -7.66 -18.32
CA VAL A 31 13.57 -7.09 -17.12
C VAL A 31 12.63 -6.06 -16.56
N TRP A 32 11.37 -6.16 -16.96
CA TRP A 32 10.38 -5.22 -16.50
C TRP A 32 9.55 -5.78 -15.35
N LEU A 33 10.11 -5.71 -14.15
CA LEU A 33 9.47 -6.17 -12.91
C LEU A 33 10.06 -5.39 -11.78
N ASN A 34 9.23 -4.82 -10.92
CA ASN A 34 9.72 -4.00 -9.82
C ASN A 34 9.34 -4.63 -8.52
N TRP A 35 10.06 -4.26 -7.46
CA TRP A 35 9.79 -4.74 -6.11
C TRP A 35 9.38 -3.56 -5.22
N TYR A 36 8.43 -3.81 -4.32
CA TYR A 36 7.92 -2.78 -3.44
C TYR A 36 7.90 -3.20 -1.97
N GLN A 37 7.95 -2.22 -1.08
CA GLN A 37 7.88 -2.47 0.36
C GLN A 37 6.70 -1.71 0.95
N GLN A 38 5.91 -2.39 1.77
CA GLN A 38 4.77 -1.74 2.39
C GLN A 38 4.61 -2.18 3.82
N LYS A 39 5.10 -1.37 4.76
CA LYS A 39 4.99 -1.68 6.18
C LYS A 39 3.54 -1.71 6.63
N PRO A 40 3.29 -2.32 7.80
CA PRO A 40 1.93 -2.42 8.34
C PRO A 40 1.13 -1.12 8.29
N GLY A 41 0.01 -1.14 7.58
CA GLY A 41 -0.83 0.04 7.50
C GLY A 41 -0.18 1.25 6.88
N ASN A 42 0.88 1.02 6.11
CA ASN A 42 1.62 2.10 5.47
C ASN A 42 1.47 2.11 3.96
N ILE A 43 2.09 3.08 3.30
CA ILE A 43 2.03 3.20 1.84
C ILE A 43 3.21 2.42 1.21
N PRO A 44 2.99 1.76 0.08
CA PRO A 44 4.04 1.00 -0.58
C PRO A 44 5.10 1.88 -1.28
N LYS A 45 6.36 1.53 -1.09
CA LYS A 45 7.46 2.29 -1.68
C LYS A 45 8.33 1.46 -2.62
N LEU A 46 8.76 2.09 -3.71
CA LEU A 46 9.58 1.41 -4.69
C LEU A 46 10.94 1.08 -4.10
N LEU A 47 11.37 -0.18 -4.26
CA LEU A 47 12.64 -0.65 -3.73
C LEU A 47 13.64 -0.91 -4.86
N ILE A 48 13.17 -1.69 -5.84
CA ILE A 48 13.94 -2.08 -7.01
C ILE A 48 13.09 -2.00 -8.28
N TYR A 49 13.61 -1.30 -9.28
CA TYR A 49 12.91 -1.17 -10.56
C TYR A 49 13.81 -1.76 -11.63
N LYS A 50 13.22 -2.23 -12.71
CA LYS A 50 14.00 -2.82 -13.80
C LYS A 50 14.90 -3.95 -13.35
N ALA A 51 14.32 -4.91 -12.64
CA ALA A 51 15.07 -6.06 -12.16
C ALA A 51 16.16 -5.77 -11.12
N SER A 52 17.25 -5.11 -11.52
CA SER A 52 18.35 -4.87 -10.58
C SER A 52 18.58 -3.41 -10.21
N ASN A 53 17.83 -2.52 -10.83
CA ASN A 53 18.02 -1.11 -10.55
C ASN A 53 17.41 -0.66 -9.24
N LEU A 54 18.25 -0.21 -8.33
CA LEU A 54 17.78 0.25 -7.03
C LEU A 54 17.19 1.65 -7.18
N HIS A 55 16.30 2.02 -6.27
CA HIS A 55 15.70 3.36 -6.35
C HIS A 55 16.46 4.28 -5.40
N THR A 56 16.59 5.53 -5.80
CA THR A 56 17.33 6.50 -5.02
C THR A 56 16.92 6.55 -3.56
N GLY A 57 17.82 6.15 -2.67
CA GLY A 57 17.53 6.19 -1.25
C GLY A 57 17.42 4.83 -0.58
N VAL A 58 17.29 3.79 -1.39
CA VAL A 58 17.17 2.45 -0.88
C VAL A 58 18.56 1.96 -0.52
N PRO A 59 18.77 1.52 0.72
CA PRO A 59 20.09 1.04 1.14
C PRO A 59 20.63 -0.05 0.25
N SER A 60 21.94 -0.25 0.28
CA SER A 60 22.57 -1.25 -0.57
C SER A 60 22.40 -2.65 -0.02
N ARG A 61 21.79 -2.76 1.16
CA ARG A 61 21.56 -4.09 1.69
C ARG A 61 20.46 -4.79 0.88
N PHE A 62 19.75 -4.01 0.05
CA PHE A 62 18.66 -4.49 -0.81
C PHE A 62 19.22 -4.75 -2.19
N SER A 63 19.05 -5.96 -2.70
CA SER A 63 19.55 -6.30 -4.02
C SER A 63 18.46 -7.01 -4.79
N GLY A 64 18.61 -7.03 -6.12
CA GLY A 64 17.61 -7.67 -6.96
C GLY A 64 18.18 -8.22 -8.25
N SER A 65 17.71 -9.40 -8.65
CA SER A 65 18.22 -9.99 -9.88
C SER A 65 17.21 -10.88 -10.58
N GLY A 66 17.45 -11.12 -11.87
CA GLY A 66 16.57 -11.97 -12.65
C GLY A 66 16.26 -11.41 -14.03
N SER A 67 15.76 -12.27 -14.89
CA SER A 67 15.41 -11.87 -16.24
C SER A 67 14.44 -12.86 -16.83
N GLY A 68 13.55 -12.37 -17.68
CA GLY A 68 12.60 -13.25 -18.33
C GLY A 68 11.48 -13.77 -17.46
N THR A 69 11.71 -14.92 -16.85
CA THR A 69 10.71 -15.57 -16.02
C THR A 69 11.08 -15.70 -14.55
N GLY A 70 12.36 -15.67 -14.22
CA GLY A 70 12.74 -15.82 -12.84
C GLY A 70 13.23 -14.53 -12.25
N PHE A 71 12.82 -14.23 -11.02
CA PHE A 71 13.24 -12.99 -10.34
C PHE A 71 13.41 -13.19 -8.84
N THR A 72 14.35 -12.47 -8.23
CA THR A 72 14.60 -12.63 -6.81
C THR A 72 15.05 -11.35 -6.10
N LEU A 73 14.57 -11.19 -4.86
CA LEU A 73 14.90 -10.04 -4.02
C LEU A 73 15.70 -10.52 -2.83
N THR A 74 16.81 -9.87 -2.57
CA THR A 74 17.67 -10.27 -1.47
C THR A 74 17.91 -9.11 -0.55
N ILE A 75 17.72 -9.33 0.75
CA ILE A 75 17.97 -8.31 1.74
C ILE A 75 19.01 -8.93 2.66
N SER A 76 20.20 -8.36 2.67
CA SER A 76 21.26 -8.87 3.54
C SER A 76 21.33 -7.99 4.80
N SER A 77 21.86 -8.56 5.88
CA SER A 77 21.97 -7.86 7.16
C SER A 77 20.64 -7.24 7.52
N LEU A 78 19.72 -8.10 7.93
CA LEU A 78 18.36 -7.68 8.28
C LEU A 78 18.32 -6.71 9.43
N GLN A 79 17.39 -5.75 9.33
CA GLN A 79 17.17 -4.76 10.38
C GLN A 79 15.70 -4.80 10.75
N PRO A 80 15.39 -4.54 12.02
CA PRO A 80 14.00 -4.57 12.49
C PRO A 80 13.12 -3.70 11.60
N GLU A 81 13.70 -2.59 11.17
CA GLU A 81 13.05 -1.62 10.31
C GLU A 81 12.55 -2.23 9.00
N ASP A 82 13.01 -3.44 8.69
CA ASP A 82 12.63 -4.10 7.45
C ASP A 82 11.39 -4.94 7.60
N ILE A 83 10.79 -4.91 8.79
CA ILE A 83 9.55 -5.65 9.04
C ILE A 83 8.55 -5.02 8.08
N ALA A 84 8.01 -5.83 7.17
CA ALA A 84 7.05 -5.34 6.19
C ALA A 84 6.64 -6.46 5.27
N THR A 85 5.86 -6.14 4.25
CA THR A 85 5.43 -7.13 3.27
C THR A 85 5.97 -6.67 1.91
N TYR A 86 6.55 -7.59 1.13
CA TYR A 86 7.17 -7.28 -0.16
C TYR A 86 6.47 -7.83 -1.38
N TYR A 87 6.08 -6.94 -2.30
CA TYR A 87 5.38 -7.30 -3.52
C TYR A 87 6.22 -7.17 -4.81
N CYS A 88 6.01 -8.08 -5.75
CA CYS A 88 6.68 -8.02 -7.05
C CYS A 88 5.66 -7.63 -8.09
N GLN A 89 5.98 -6.66 -8.94
CA GLN A 89 5.05 -6.24 -9.98
C GLN A 89 5.77 -6.16 -11.31
N GLN A 90 5.05 -6.44 -12.39
CA GLN A 90 5.66 -6.39 -13.71
C GLN A 90 5.21 -5.13 -14.40
N GLY A 91 6.13 -4.49 -15.13
CA GLY A 91 5.81 -3.27 -15.85
C GLY A 91 6.08 -3.38 -17.33
N GLN A 92 5.90 -4.58 -17.85
CA GLN A 92 6.13 -4.84 -19.25
C GLN A 92 4.83 -4.73 -20.04
N THR A 93 3.83 -5.51 -19.64
CA THR A 93 2.55 -5.55 -20.36
C THR A 93 1.26 -5.17 -19.61
N TYR A 94 0.41 -4.36 -20.24
CA TYR A 94 -0.89 -3.99 -19.66
C TYR A 94 -1.74 -5.27 -19.72
N PRO A 95 -2.46 -5.61 -18.65
CA PRO A 95 -2.55 -4.88 -17.37
C PRO A 95 -1.35 -5.20 -16.47
N TYR A 96 -0.93 -4.24 -15.68
CA TYR A 96 0.21 -4.45 -14.79
C TYR A 96 -0.30 -5.39 -13.71
N THR A 97 0.58 -6.26 -13.20
CA THR A 97 0.18 -7.20 -12.15
C THR A 97 1.25 -7.39 -11.07
N PHE A 98 0.82 -7.36 -9.81
CA PHE A 98 1.72 -7.53 -8.68
C PHE A 98 1.66 -8.98 -8.20
N GLY A 99 2.51 -9.30 -7.22
CA GLY A 99 2.53 -10.64 -6.68
C GLY A 99 1.62 -10.74 -5.45
N GLY A 100 1.76 -11.82 -4.69
CA GLY A 100 0.93 -12.01 -3.51
C GLY A 100 1.54 -11.34 -2.29
N GLY A 101 2.82 -11.02 -2.41
CA GLY A 101 3.51 -10.37 -1.32
C GLY A 101 4.11 -11.39 -0.41
N THR A 102 5.11 -10.97 0.35
CA THR A 102 5.75 -11.89 1.27
C THR A 102 5.89 -11.15 2.59
N LYS A 103 5.45 -11.78 3.68
CA LYS A 103 5.51 -11.14 4.99
C LYS A 103 6.83 -11.46 5.65
N LEU A 104 7.38 -10.52 6.39
CA LEU A 104 8.63 -10.80 7.10
C LEU A 104 8.51 -10.49 8.57
N GLU A 105 9.16 -11.32 9.38
CA GLU A 105 9.19 -11.17 10.83
C GLU A 105 10.63 -11.26 11.33
N ILE A 106 11.08 -10.22 12.00
CA ILE A 106 12.45 -10.20 12.51
C ILE A 106 12.37 -10.89 13.86
N LYS A 107 13.04 -12.03 13.98
CA LYS A 107 13.05 -12.86 15.18
C LYS A 107 13.94 -12.30 16.28
N ARG A 108 13.37 -12.13 17.47
CA ARG A 108 14.11 -11.59 18.61
C ARG A 108 13.96 -12.51 19.82
N ALA A 109 14.67 -12.18 20.90
CA ALA A 109 14.63 -12.93 22.15
C ALA A 109 13.22 -13.09 22.72
N ASP A 110 12.89 -14.30 23.16
CA ASP A 110 11.59 -14.58 23.74
C ASP A 110 11.26 -13.55 24.83
N ALA A 111 9.97 -13.21 24.96
CA ALA A 111 9.56 -12.22 25.95
C ALA A 111 8.24 -12.58 26.60
N ALA A 112 8.08 -12.23 27.87
CA ALA A 112 6.86 -12.53 28.60
C ALA A 112 5.93 -11.35 28.43
N PRO A 113 4.63 -11.61 28.27
CA PRO A 113 3.63 -10.54 28.10
C PRO A 113 3.24 -9.88 29.41
N THR A 114 3.41 -8.56 29.52
CA THR A 114 3.01 -7.88 30.75
C THR A 114 1.50 -7.79 30.71
N VAL A 115 0.84 -8.60 31.54
CA VAL A 115 -0.62 -8.63 31.58
C VAL A 115 -1.21 -7.50 32.43
N SER A 116 -2.38 -7.01 32.03
CA SER A 116 -3.05 -5.95 32.77
C SER A 116 -4.56 -6.12 32.64
N ILE A 117 -5.26 -6.20 33.77
CA ILE A 117 -6.70 -6.33 33.71
C ILE A 117 -7.32 -5.00 34.12
N PHE A 118 -8.51 -4.71 33.61
CA PHE A 118 -9.19 -3.46 33.92
C PHE A 118 -10.68 -3.62 34.01
N PRO A 119 -11.27 -3.29 35.17
CA PRO A 119 -12.71 -3.38 35.42
C PRO A 119 -13.56 -2.43 34.58
N PRO A 120 -14.89 -2.61 34.61
CA PRO A 120 -15.78 -1.73 33.83
C PRO A 120 -15.71 -0.34 34.42
N SER A 121 -15.60 0.67 33.57
CA SER A 121 -15.53 2.03 34.09
C SER A 121 -16.88 2.45 34.63
N SER A 122 -16.86 3.27 35.67
CA SER A 122 -18.08 3.75 36.28
C SER A 122 -19.10 4.30 35.27
N GLU A 123 -18.63 5.11 34.34
CA GLU A 123 -19.44 5.74 33.31
C GLU A 123 -20.12 4.72 32.40
N GLN A 124 -19.48 3.58 32.24
CA GLN A 124 -20.05 2.55 31.40
C GLN A 124 -21.21 1.86 32.09
N LEU A 125 -21.00 1.48 33.35
CA LEU A 125 -22.03 0.79 34.10
C LEU A 125 -23.29 1.62 34.11
N THR A 126 -23.12 2.94 34.19
CA THR A 126 -24.25 3.85 34.20
C THR A 126 -25.11 3.60 32.95
N SER A 127 -24.53 2.99 31.93
CA SER A 127 -25.28 2.75 30.69
C SER A 127 -25.85 1.34 30.61
N GLY A 128 -25.78 0.60 31.72
CA GLY A 128 -26.30 -0.75 31.71
C GLY A 128 -25.30 -1.81 31.27
N GLY A 129 -24.12 -1.38 30.83
CA GLY A 129 -23.13 -2.35 30.39
C GLY A 129 -21.93 -2.56 31.31
N ALA A 130 -21.02 -3.42 30.87
CA ALA A 130 -19.83 -3.74 31.65
C ALA A 130 -18.77 -4.44 30.81
N SER A 131 -17.66 -3.76 30.55
CA SER A 131 -16.60 -4.36 29.74
C SER A 131 -15.32 -4.50 30.52
N VAL A 132 -14.92 -5.74 30.81
CA VAL A 132 -13.67 -5.94 31.53
C VAL A 132 -12.59 -6.09 30.46
N VAL A 133 -11.55 -5.28 30.54
CA VAL A 133 -10.50 -5.35 29.53
C VAL A 133 -9.16 -5.87 30.07
N CYS A 134 -8.49 -6.66 29.23
CA CYS A 134 -7.21 -7.26 29.58
C CYS A 134 -6.15 -6.94 28.53
N PHE A 135 -5.01 -6.45 28.99
CA PHE A 135 -3.93 -6.11 28.09
C PHE A 135 -2.83 -7.13 28.29
N LEU A 136 -2.23 -7.54 27.18
CA LEU A 136 -1.13 -8.49 27.17
C LEU A 136 -0.13 -7.87 26.19
N ASN A 137 0.80 -7.09 26.72
CA ASN A 137 1.75 -6.39 25.88
C ASN A 137 3.21 -6.81 25.79
N ASN A 138 3.83 -6.37 24.69
CA ASN A 138 5.23 -6.59 24.42
C ASN A 138 5.72 -7.98 24.76
N PHE A 139 5.37 -8.93 23.92
CA PHE A 139 5.76 -10.31 24.15
C PHE A 139 6.17 -10.96 22.84
N TYR A 140 7.01 -11.99 22.92
CA TYR A 140 7.50 -12.71 21.75
C TYR A 140 7.78 -14.14 22.19
N PRO A 141 7.39 -15.13 21.37
CA PRO A 141 6.71 -15.08 20.07
C PRO A 141 5.25 -14.62 20.17
N LYS A 142 4.56 -14.57 19.04
CA LYS A 142 3.19 -14.08 19.01
C LYS A 142 2.17 -15.12 19.38
N ASP A 143 2.61 -16.19 20.02
CA ASP A 143 1.70 -17.24 20.43
C ASP A 143 1.29 -16.96 21.86
N ILE A 144 -0.02 -16.87 22.08
CA ILE A 144 -0.55 -16.57 23.40
C ILE A 144 -2.02 -16.97 23.50
N ASN A 145 -2.42 -17.54 24.64
CA ASN A 145 -3.80 -17.96 24.86
C ASN A 145 -4.36 -17.24 26.08
N VAL A 146 -5.56 -16.68 25.93
CA VAL A 146 -6.20 -15.96 27.02
C VAL A 146 -7.52 -16.62 27.39
N LYS A 147 -7.68 -16.94 28.66
CA LYS A 147 -8.92 -17.53 29.11
C LYS A 147 -9.48 -16.58 30.14
N TRP A 148 -10.80 -16.42 30.13
CA TRP A 148 -11.44 -15.56 31.12
C TRP A 148 -12.13 -16.44 32.17
N LYS A 149 -11.85 -16.15 33.43
CA LYS A 149 -12.46 -16.91 34.51
C LYS A 149 -13.32 -16.05 35.41
N ILE A 150 -14.63 -16.15 35.24
CA ILE A 150 -15.55 -15.41 36.08
C ILE A 150 -15.65 -16.25 37.34
N ASP A 151 -14.91 -15.83 38.36
CA ASP A 151 -14.80 -16.54 39.63
C ASP A 151 -13.88 -17.72 39.40
N GLY A 152 -14.45 -18.91 39.27
CA GLY A 152 -13.59 -20.06 39.03
C GLY A 152 -13.87 -20.62 37.66
N SER A 153 -15.07 -20.35 37.16
CA SER A 153 -15.49 -20.86 35.87
C SER A 153 -14.89 -20.07 34.70
N GLU A 154 -14.71 -20.76 33.58
CA GLU A 154 -14.14 -20.22 32.36
C GLU A 154 -15.28 -19.62 31.56
N ARG A 155 -15.02 -18.51 30.89
CA ARG A 155 -16.06 -17.86 30.09
C ARG A 155 -15.50 -17.55 28.71
N GLN A 156 -16.29 -17.78 27.66
CA GLN A 156 -15.89 -17.52 26.28
C GLN A 156 -16.94 -16.69 25.53
N ASN A 157 -18.12 -16.53 26.12
CA ASN A 157 -19.19 -15.77 25.50
C ASN A 157 -18.96 -14.27 25.75
N GLY A 158 -18.97 -13.47 24.69
CA GLY A 158 -18.77 -12.04 24.85
C GLY A 158 -17.32 -11.61 24.94
N VAL A 159 -16.42 -12.44 24.41
CA VAL A 159 -14.98 -12.11 24.44
C VAL A 159 -14.46 -11.77 23.05
N LEU A 160 -13.86 -10.59 22.92
CA LEU A 160 -13.30 -10.13 21.65
C LEU A 160 -11.82 -9.78 21.81
N ASN A 161 -10.98 -10.30 20.92
CA ASN A 161 -9.54 -10.05 21.02
C ASN A 161 -9.04 -9.25 19.83
N SER A 162 -7.80 -8.78 19.92
CA SER A 162 -7.20 -8.00 18.84
C SER A 162 -5.70 -8.02 18.99
N TRP A 163 -4.99 -8.18 17.88
CA TRP A 163 -3.54 -8.22 17.88
C TRP A 163 -2.94 -7.12 17.02
N THR A 164 -1.85 -6.53 17.48
CA THR A 164 -1.18 -5.49 16.73
C THR A 164 -0.07 -6.17 15.94
N ASP A 165 0.42 -5.49 14.91
CA ASP A 165 1.48 -6.01 14.06
C ASP A 165 2.78 -5.93 14.84
N GLN A 166 3.78 -6.69 14.40
CA GLN A 166 5.07 -6.73 15.08
C GLN A 166 5.67 -5.34 15.24
N ASP A 167 6.00 -5.00 16.48
CA ASP A 167 6.55 -3.68 16.78
C ASP A 167 7.84 -3.44 15.99
N SER A 168 7.79 -2.51 15.04
CA SER A 168 8.97 -2.19 14.24
C SER A 168 10.10 -1.58 15.08
N LYS A 169 9.80 -1.30 16.34
CA LYS A 169 10.77 -0.69 17.23
C LYS A 169 11.47 -1.65 18.19
N ASP A 170 10.76 -2.66 18.68
CA ASP A 170 11.35 -3.62 19.60
C ASP A 170 10.92 -5.03 19.24
N SER A 171 10.39 -5.14 18.03
CA SER A 171 9.93 -6.39 17.42
C SER A 171 8.98 -7.27 18.19
N THR A 172 8.19 -6.72 19.10
CA THR A 172 7.25 -7.53 19.86
C THR A 172 5.83 -7.48 19.34
N TYR A 173 4.97 -8.22 20.03
CA TYR A 173 3.57 -8.31 19.71
C TYR A 173 2.75 -7.95 20.93
N SER A 174 1.56 -7.41 20.70
CA SER A 174 0.67 -7.03 21.78
C SER A 174 -0.73 -7.54 21.49
N MET A 175 -1.52 -7.71 22.55
CA MET A 175 -2.89 -8.17 22.39
C MET A 175 -3.84 -7.62 23.48
N SER A 176 -5.07 -7.35 23.09
CA SER A 176 -6.05 -6.86 24.05
C SER A 176 -7.24 -7.81 23.99
N SER A 177 -7.86 -8.05 25.14
CA SER A 177 -9.00 -8.95 25.22
C SER A 177 -10.10 -8.25 26.01
N THR A 178 -11.29 -8.15 25.43
CA THR A 178 -12.37 -7.48 26.14
C THR A 178 -13.56 -8.38 26.33
N LEU A 179 -13.95 -8.53 27.59
CA LEU A 179 -15.10 -9.34 27.99
C LEU A 179 -16.24 -8.39 28.27
N THR A 180 -17.21 -8.35 27.37
CA THR A 180 -18.37 -7.49 27.53
C THR A 180 -19.64 -8.19 28.03
N LEU A 181 -20.02 -7.84 29.25
CA LEU A 181 -21.20 -8.40 29.90
C LEU A 181 -22.20 -7.26 30.13
N THR A 182 -23.32 -7.57 30.77
CA THR A 182 -24.29 -6.54 31.07
C THR A 182 -24.03 -6.14 32.52
N LYS A 183 -24.56 -4.99 32.92
CA LYS A 183 -24.40 -4.53 34.28
C LYS A 183 -25.03 -5.58 35.19
N ASP A 184 -26.16 -6.10 34.76
CA ASP A 184 -26.88 -7.12 35.52
C ASP A 184 -26.06 -8.36 35.84
N GLU A 185 -25.65 -9.09 34.81
CA GLU A 185 -24.92 -10.33 35.04
C GLU A 185 -23.47 -10.14 35.48
N TYR A 186 -22.99 -8.91 35.45
CA TYR A 186 -21.64 -8.63 35.89
C TYR A 186 -21.64 -8.48 37.40
N GLU A 187 -22.76 -8.00 37.92
CA GLU A 187 -22.89 -7.73 39.35
C GLU A 187 -23.20 -8.94 40.18
N ARG A 188 -23.41 -10.09 39.55
CA ARG A 188 -23.74 -11.27 40.33
C ARG A 188 -22.56 -12.15 40.62
N HIS A 189 -21.43 -11.86 39.97
CA HIS A 189 -20.21 -12.62 40.20
C HIS A 189 -19.28 -11.67 40.94
N ASN A 190 -18.24 -12.20 41.59
CA ASN A 190 -17.29 -11.34 42.32
C ASN A 190 -15.88 -11.20 41.69
N SER A 191 -15.23 -12.35 41.47
CA SER A 191 -13.88 -12.40 40.93
C SER A 191 -13.81 -12.58 39.41
N TYR A 192 -13.08 -11.70 38.74
CA TYR A 192 -12.92 -11.75 37.29
C TYR A 192 -11.43 -11.94 37.02
N THR A 193 -11.11 -13.02 36.34
CA THR A 193 -9.72 -13.38 36.07
C THR A 193 -9.36 -13.42 34.59
N CYS A 194 -8.18 -12.92 34.27
CA CYS A 194 -7.68 -12.93 32.91
C CYS A 194 -6.41 -13.78 33.00
N GLU A 195 -6.40 -14.89 32.28
CA GLU A 195 -5.29 -15.84 32.29
C GLU A 195 -4.60 -16.03 30.94
N ALA A 196 -3.27 -15.98 30.92
CA ALA A 196 -2.54 -16.16 29.66
C ALA A 196 -1.40 -17.17 29.76
N THR A 197 -1.30 -18.03 28.76
CA THR A 197 -0.25 -19.02 28.74
C THR A 197 0.57 -18.74 27.51
N HIS A 198 1.87 -18.60 27.74
CA HIS A 198 2.82 -18.30 26.70
C HIS A 198 4.05 -19.19 26.83
N LYS A 199 4.71 -19.45 25.70
CA LYS A 199 5.91 -20.30 25.69
C LYS A 199 6.88 -19.88 26.78
N THR A 200 6.82 -18.59 27.09
CA THR A 200 7.68 -17.97 28.07
C THR A 200 7.44 -18.50 29.50
N SER A 201 6.37 -19.26 29.68
CA SER A 201 6.07 -19.79 31.02
C SER A 201 5.23 -21.06 30.98
N THR A 202 5.54 -22.00 31.86
CA THR A 202 4.79 -23.26 31.93
C THR A 202 3.58 -23.03 32.84
N SER A 203 3.69 -21.98 33.66
CA SER A 203 2.65 -21.59 34.60
C SER A 203 1.91 -20.38 34.04
N PRO A 204 0.56 -20.41 34.04
CA PRO A 204 -0.20 -19.29 33.51
C PRO A 204 -0.01 -17.98 34.26
N ILE A 205 0.03 -16.88 33.50
CA ILE A 205 0.16 -15.56 34.11
C ILE A 205 -1.28 -15.18 34.41
N VAL A 206 -1.60 -14.99 35.69
CA VAL A 206 -2.96 -14.68 36.07
C VAL A 206 -3.09 -13.27 36.60
N LYS A 207 -4.17 -12.59 36.24
CA LYS A 207 -4.44 -11.24 36.71
C LYS A 207 -5.93 -11.21 36.95
N SER A 208 -6.32 -10.83 38.16
CA SER A 208 -7.74 -10.80 38.51
C SER A 208 -8.11 -9.70 39.51
N PHE A 209 -9.40 -9.41 39.59
CA PHE A 209 -9.88 -8.38 40.49
C PHE A 209 -11.27 -8.75 41.00
N ASN A 210 -11.55 -8.36 42.23
CA ASN A 210 -12.83 -8.64 42.85
C ASN A 210 -13.62 -7.37 42.91
N ARG A 211 -14.91 -7.49 43.22
CA ARG A 211 -15.78 -6.33 43.34
C ARG A 211 -15.41 -5.70 44.70
N ASN A 212 -14.17 -6.00 45.12
CA ASN A 212 -13.53 -5.57 46.36
C ASN A 212 -14.04 -6.29 47.59
N VAL B 2 7.21 16.71 -4.55
CA VAL B 2 6.32 15.91 -5.46
C VAL B 2 5.39 15.09 -4.58
N GLN B 3 4.29 15.71 -4.17
CA GLN B 3 3.32 15.06 -3.30
C GLN B 3 2.13 14.60 -4.11
N LEU B 4 1.37 13.68 -3.54
CA LEU B 4 0.19 13.15 -4.19
C LEU B 4 -0.92 13.08 -3.15
N GLN B 5 -1.71 14.15 -3.05
CA GLN B 5 -2.80 14.22 -2.06
C GLN B 5 -4.06 13.46 -2.48
N GLN B 6 -4.57 12.65 -1.57
CA GLN B 6 -5.78 11.86 -1.81
C GLN B 6 -6.98 12.22 -0.91
N SER B 7 -8.18 12.00 -1.45
CA SER B 7 -9.40 12.31 -0.71
C SER B 7 -9.59 11.53 0.58
N GLY B 8 -10.39 12.07 1.49
CA GLY B 8 -10.66 11.43 2.77
C GLY B 8 -11.56 10.20 2.66
N PRO B 9 -11.59 9.34 3.69
CA PRO B 9 -12.44 8.16 3.61
C PRO B 9 -13.89 8.51 3.29
N GLU B 10 -14.62 7.58 2.67
CA GLU B 10 -15.99 7.85 2.33
C GLU B 10 -16.83 6.61 2.58
N LEU B 11 -18.09 6.81 2.95
CA LEU B 11 -18.99 5.69 3.20
C LEU B 11 -19.96 5.73 2.03
N VAL B 12 -20.18 4.58 1.41
CA VAL B 12 -21.05 4.48 0.27
C VAL B 12 -22.10 3.39 0.48
N LYS B 13 -23.35 3.75 0.19
CA LYS B 13 -24.43 2.79 0.33
C LYS B 13 -24.44 1.90 -0.90
N PRO B 14 -24.49 0.58 -0.67
CA PRO B 14 -24.50 -0.45 -1.71
C PRO B 14 -25.42 -0.16 -2.90
N GLY B 15 -24.83 0.18 -4.04
CA GLY B 15 -25.58 0.48 -5.25
C GLY B 15 -25.14 1.77 -5.92
N THR B 16 -24.76 2.77 -5.11
CA THR B 16 -24.36 4.07 -5.62
C THR B 16 -22.94 4.18 -6.19
N SER B 17 -22.58 5.37 -6.65
CA SER B 17 -21.27 5.61 -7.25
C SER B 17 -20.55 6.83 -6.66
N VAL B 18 -19.32 6.61 -6.19
CA VAL B 18 -18.51 7.69 -5.63
C VAL B 18 -17.31 7.92 -6.53
N ARG B 19 -16.81 9.15 -6.56
CA ARG B 19 -15.66 9.53 -7.39
C ARG B 19 -14.55 10.15 -6.55
N ILE B 20 -13.55 9.37 -6.18
CA ILE B 20 -12.45 9.88 -5.36
C ILE B 20 -11.51 10.73 -6.20
N SER B 21 -10.60 11.45 -5.55
CA SER B 21 -9.66 12.31 -6.26
C SER B 21 -8.20 12.08 -5.84
N CYS B 22 -7.29 12.79 -6.52
CA CYS B 22 -5.85 12.68 -6.27
C CYS B 22 -5.17 13.85 -7.00
N GLU B 23 -4.75 14.87 -6.26
CA GLU B 23 -4.13 16.02 -6.90
C GLU B 23 -2.62 16.06 -6.76
N ALA B 24 -1.96 16.17 -7.90
CA ALA B 24 -0.51 16.22 -7.96
C ALA B 24 0.00 17.61 -7.61
N SER B 25 1.26 17.69 -7.20
CA SER B 25 1.88 18.97 -6.85
C SER B 25 3.37 18.78 -6.55
N GLY B 26 4.20 19.44 -7.35
CA GLY B 26 5.64 19.35 -7.16
C GLY B 26 6.37 18.89 -8.40
N TYR B 27 5.64 18.73 -9.51
CA TYR B 27 6.21 18.26 -10.79
C TYR B 27 5.28 18.60 -11.95
N THR B 28 5.68 18.23 -13.17
CA THR B 28 4.85 18.52 -14.34
C THR B 28 3.79 17.45 -14.54
N PHE B 29 2.56 17.82 -14.22
CA PHE B 29 1.41 16.95 -14.29
C PHE B 29 1.27 16.26 -15.65
N THR B 30 1.48 17.00 -16.72
CA THR B 30 1.36 16.44 -18.07
C THR B 30 2.60 15.74 -18.57
N SER B 31 3.39 15.20 -17.66
CA SER B 31 4.61 14.47 -18.02
C SER B 31 4.59 13.13 -17.32
N TYR B 32 3.41 12.75 -16.84
CA TYR B 32 3.27 11.49 -16.14
C TYR B 32 1.88 10.89 -16.24
N TYR B 33 1.83 9.56 -16.17
CA TYR B 33 0.57 8.80 -16.18
C TYR B 33 0.07 8.79 -14.73
N ILE B 34 -1.24 8.67 -14.53
CA ILE B 34 -1.79 8.56 -13.20
C ILE B 34 -2.46 7.17 -13.13
N HIS B 35 -1.89 6.25 -12.36
CA HIS B 35 -2.41 4.89 -12.22
C HIS B 35 -3.20 4.73 -10.94
N TRP B 36 -4.29 3.96 -11.00
CA TRP B 36 -5.10 3.68 -9.82
C TRP B 36 -5.01 2.18 -9.48
N VAL B 37 -4.81 1.85 -8.21
CA VAL B 37 -4.73 0.44 -7.79
C VAL B 37 -5.49 0.27 -6.48
N LYS B 38 -6.22 -0.84 -6.36
CA LYS B 38 -6.98 -1.11 -5.15
C LYS B 38 -6.38 -2.21 -4.29
N GLN B 39 -6.39 -2.02 -2.98
CA GLN B 39 -5.86 -3.01 -2.06
C GLN B 39 -6.93 -3.40 -1.04
N ARG B 40 -7.45 -4.61 -1.17
CA ARG B 40 -8.48 -5.05 -0.26
C ARG B 40 -7.81 -5.42 1.06
N PRO B 41 -8.46 -5.11 2.19
CA PRO B 41 -7.95 -5.39 3.54
C PRO B 41 -7.37 -6.77 3.69
N GLY B 42 -6.07 -6.83 3.94
CA GLY B 42 -5.41 -8.11 4.13
C GLY B 42 -4.92 -8.73 2.85
N GLN B 43 -5.43 -8.24 1.73
CA GLN B 43 -5.07 -8.77 0.40
C GLN B 43 -3.98 -7.92 -0.23
N GLY B 44 -3.42 -8.40 -1.34
CA GLY B 44 -2.38 -7.63 -2.03
C GLY B 44 -3.05 -6.53 -2.82
N LEU B 45 -2.29 -5.78 -3.63
CA LEU B 45 -2.88 -4.69 -4.40
C LEU B 45 -2.94 -5.02 -5.87
N GLU B 46 -3.97 -4.55 -6.57
CA GLU B 46 -4.13 -4.83 -7.98
C GLU B 46 -4.36 -3.55 -8.78
N TRP B 47 -3.82 -3.54 -10.00
CA TRP B 47 -3.89 -2.40 -10.92
C TRP B 47 -5.27 -2.20 -11.56
N ILE B 48 -5.87 -1.06 -11.26
CA ILE B 48 -7.19 -0.70 -11.79
C ILE B 48 -7.07 -0.17 -13.23
N GLY B 49 -6.47 1.01 -13.37
CA GLY B 49 -6.28 1.63 -14.68
C GLY B 49 -5.37 2.85 -14.60
N CYS B 50 -5.02 3.42 -15.74
CA CYS B 50 -4.17 4.60 -15.72
C CYS B 50 -4.72 5.65 -16.68
N ILE B 51 -4.25 6.88 -16.53
CA ILE B 51 -4.69 7.96 -17.39
C ILE B 51 -3.51 8.91 -17.62
N TYR B 52 -3.40 9.44 -18.83
CA TYR B 52 -2.31 10.34 -19.12
C TYR B 52 -2.76 11.76 -19.37
N PRO B 53 -2.61 12.65 -18.37
CA PRO B 53 -3.02 14.03 -18.58
C PRO B 53 -2.16 14.55 -19.68
N GLY B 54 -2.79 15.16 -20.67
CA GLY B 54 -2.06 15.69 -21.81
C GLY B 54 -2.94 15.41 -23.01
N ASN B 55 -2.92 14.17 -23.48
CA ASN B 55 -3.74 13.78 -24.63
C ASN B 55 -4.98 13.06 -24.12
N VAL B 56 -5.13 13.09 -22.79
CA VAL B 56 -6.25 12.49 -22.05
C VAL B 56 -6.52 11.03 -22.37
N ASN B 57 -5.52 10.32 -22.88
CA ASN B 57 -5.66 8.92 -23.22
C ASN B 57 -5.77 8.11 -21.92
N THR B 58 -6.51 7.01 -21.96
CA THR B 58 -6.67 6.16 -20.77
C THR B 58 -6.54 4.66 -21.04
N ASN B 59 -6.22 3.90 -19.99
CA ASN B 59 -6.08 2.45 -20.11
C ASN B 59 -6.71 1.82 -18.90
N TYR B 60 -7.55 0.80 -19.13
CA TYR B 60 -8.23 0.10 -18.04
C TYR B 60 -7.90 -1.40 -17.97
N ASN B 61 -8.04 -1.97 -16.78
CA ASN B 61 -7.82 -3.39 -16.58
C ASN B 61 -9.21 -3.94 -16.81
N GLU B 62 -9.31 -5.05 -17.53
CA GLU B 62 -10.61 -5.64 -17.82
C GLU B 62 -11.37 -6.10 -16.58
N LYS B 63 -10.72 -6.11 -15.43
CA LYS B 63 -11.39 -6.51 -14.21
C LYS B 63 -12.20 -5.38 -13.58
N PHE B 64 -12.11 -4.18 -14.16
CA PHE B 64 -12.81 -3.00 -13.65
C PHE B 64 -13.35 -2.14 -14.82
N LYS B 65 -13.63 -2.78 -15.96
CA LYS B 65 -14.11 -2.05 -17.14
C LYS B 65 -15.31 -1.12 -16.97
N ASP B 66 -16.35 -1.57 -16.27
CA ASP B 66 -17.56 -0.77 -16.07
C ASP B 66 -17.50 0.26 -14.95
N LYS B 67 -17.16 -0.19 -13.73
CA LYS B 67 -17.06 0.69 -12.56
C LYS B 67 -16.13 1.86 -12.80
N ALA B 68 -14.85 1.51 -12.90
CA ALA B 68 -13.79 2.48 -13.11
C ALA B 68 -13.94 3.33 -14.38
N THR B 69 -13.88 4.65 -14.21
CA THR B 69 -13.99 5.61 -15.30
C THR B 69 -12.94 6.67 -14.93
N LEU B 70 -11.87 6.75 -15.70
CA LEU B 70 -10.81 7.70 -15.39
C LEU B 70 -10.96 9.09 -15.99
N ILE B 71 -10.96 10.11 -15.13
CA ILE B 71 -11.12 11.50 -15.55
C ILE B 71 -9.89 12.30 -15.11
N VAL B 72 -9.58 13.39 -15.82
CA VAL B 72 -8.42 14.19 -15.48
C VAL B 72 -8.80 15.67 -15.46
N ASP B 73 -8.08 16.46 -14.65
CA ASP B 73 -8.33 17.88 -14.47
C ASP B 73 -7.01 18.64 -14.55
N THR B 74 -6.61 19.03 -15.77
CA THR B 74 -5.34 19.71 -16.01
C THR B 74 -5.14 21.07 -15.34
N SER B 75 -6.22 21.64 -14.79
CA SER B 75 -6.16 22.94 -14.11
C SER B 75 -5.70 22.81 -12.66
N SER B 76 -6.36 21.95 -11.91
CA SER B 76 -6.03 21.72 -10.50
C SER B 76 -5.06 20.55 -10.33
N ASN B 77 -4.46 20.08 -11.42
CA ASN B 77 -3.56 18.94 -11.37
C ASN B 77 -4.23 17.75 -10.68
N THR B 78 -5.53 17.60 -10.85
CA THR B 78 -6.30 16.52 -10.22
C THR B 78 -6.65 15.37 -11.12
N ALA B 79 -6.55 14.16 -10.57
CA ALA B 79 -6.89 12.96 -11.30
C ALA B 79 -8.06 12.34 -10.54
N TYR B 80 -9.20 12.17 -11.19
CA TYR B 80 -10.35 11.60 -10.49
C TYR B 80 -10.56 10.16 -10.89
N MET B 81 -11.17 9.38 -9.99
CA MET B 81 -11.46 7.97 -10.22
C MET B 81 -12.91 7.71 -9.82
N GLN B 82 -13.73 7.33 -10.78
CA GLN B 82 -15.15 7.06 -10.53
C GLN B 82 -15.43 5.58 -10.40
N LEU B 83 -16.00 5.20 -9.27
CA LEU B 83 -16.35 3.82 -9.01
C LEU B 83 -17.88 3.82 -8.98
N SER B 84 -18.50 3.34 -10.06
CA SER B 84 -19.95 3.30 -10.15
C SER B 84 -20.48 1.90 -9.82
N ARG B 85 -21.69 1.85 -9.23
CA ARG B 85 -22.32 0.59 -8.81
C ARG B 85 -21.39 -0.16 -7.86
N MET B 86 -21.46 0.18 -6.58
CA MET B 86 -20.57 -0.42 -5.59
C MET B 86 -21.18 -1.53 -4.75
N THR B 87 -20.33 -2.44 -4.29
CA THR B 87 -20.74 -3.58 -3.48
C THR B 87 -19.65 -3.85 -2.46
N SER B 88 -19.91 -4.76 -1.52
CA SER B 88 -18.96 -5.11 -0.47
C SER B 88 -17.65 -5.60 -1.04
N GLU B 89 -17.60 -5.72 -2.36
CA GLU B 89 -16.41 -6.18 -3.07
C GLU B 89 -15.69 -4.93 -3.58
N ASP B 90 -16.26 -3.76 -3.28
CA ASP B 90 -15.68 -2.49 -3.67
C ASP B 90 -14.96 -1.91 -2.47
N SER B 91 -15.29 -2.43 -1.29
CA SER B 91 -14.68 -1.97 -0.04
C SER B 91 -13.23 -2.39 0.00
N ALA B 92 -12.34 -1.40 -0.06
CA ALA B 92 -10.90 -1.60 -0.05
C ALA B 92 -10.27 -0.22 -0.06
N VAL B 93 -8.96 -0.14 0.15
CA VAL B 93 -8.30 1.15 0.14
C VAL B 93 -7.77 1.35 -1.26
N TYR B 94 -8.11 2.48 -1.87
CA TYR B 94 -7.67 2.78 -3.23
C TYR B 94 -6.50 3.74 -3.20
N PHE B 95 -5.43 3.35 -3.89
CA PHE B 95 -4.21 4.14 -3.93
C PHE B 95 -4.06 4.93 -5.19
N CYS B 96 -3.24 5.97 -5.12
CA CYS B 96 -2.97 6.82 -6.27
C CYS B 96 -1.47 6.80 -6.49
N THR B 97 -1.06 6.71 -7.74
CA THR B 97 0.36 6.71 -8.04
C THR B 97 0.55 7.14 -9.48
N ARG B 98 1.80 7.36 -9.88
CA ARG B 98 2.09 7.82 -11.23
C ARG B 98 3.22 7.03 -11.88
N SER B 99 3.39 7.22 -13.19
CA SER B 99 4.43 6.53 -13.94
C SER B 99 4.99 7.57 -14.92
N HIS B 100 6.28 7.50 -15.20
CA HIS B 100 6.84 8.51 -16.10
C HIS B 100 6.30 8.22 -17.48
N TYR B 101 5.84 9.25 -18.19
CA TYR B 101 5.27 9.04 -19.52
C TYR B 101 6.24 8.49 -20.57
N GLY B 102 7.42 9.10 -20.69
CA GLY B 102 8.38 8.62 -21.66
C GLY B 102 8.98 7.32 -21.20
N LEU B 103 9.61 7.34 -20.02
CA LEU B 103 10.21 6.15 -19.41
C LEU B 103 9.19 5.52 -18.45
N ASP B 104 8.21 4.83 -19.00
CA ASP B 104 7.13 4.19 -18.23
C ASP B 104 7.60 2.87 -17.66
N TRP B 105 8.39 2.93 -16.60
CA TRP B 105 8.93 1.73 -15.94
C TRP B 105 8.33 1.35 -14.60
N ASN B 106 7.91 2.32 -13.80
CA ASN B 106 7.34 1.99 -12.50
C ASN B 106 6.63 3.13 -11.77
N PHE B 107 6.04 2.82 -10.61
CA PHE B 107 5.31 3.81 -9.81
C PHE B 107 6.11 4.20 -8.55
N ASP B 108 6.76 5.37 -8.59
CA ASP B 108 7.59 5.82 -7.48
C ASP B 108 6.97 6.77 -6.46
N VAL B 109 5.85 7.37 -6.77
CA VAL B 109 5.19 8.27 -5.82
C VAL B 109 3.75 7.80 -5.59
N TRP B 110 3.43 7.41 -4.36
CA TRP B 110 2.09 6.93 -4.07
C TRP B 110 1.32 7.88 -3.18
N GLY B 111 0.00 7.90 -3.32
CA GLY B 111 -0.81 8.73 -2.47
C GLY B 111 -0.88 7.93 -1.19
N ALA B 112 -1.42 8.51 -0.12
CA ALA B 112 -1.52 7.80 1.14
C ALA B 112 -2.78 6.95 1.17
N GLY B 113 -3.57 7.02 0.10
CA GLY B 113 -4.79 6.22 0.02
C GLY B 113 -6.10 6.79 0.54
N THR B 114 -7.20 6.17 0.13
CA THR B 114 -8.56 6.56 0.53
C THR B 114 -9.35 5.28 0.85
N THR B 115 -9.61 5.03 2.12
CA THR B 115 -10.38 3.83 2.51
C THR B 115 -11.83 4.05 2.11
N VAL B 116 -12.44 3.03 1.50
CA VAL B 116 -13.82 3.11 1.05
C VAL B 116 -14.62 1.95 1.59
N THR B 117 -15.68 2.28 2.30
CA THR B 117 -16.57 1.28 2.86
C THR B 117 -17.87 1.38 2.10
N VAL B 118 -18.44 0.25 1.76
CA VAL B 118 -19.68 0.23 1.00
C VAL B 118 -20.75 -0.45 1.88
N SER B 119 -20.92 0.02 3.11
CA SER B 119 -21.88 -0.54 4.05
C SER B 119 -23.04 0.40 4.28
N SER B 120 -24.24 -0.15 4.44
CA SER B 120 -25.43 0.66 4.65
C SER B 120 -25.74 0.85 6.13
N ALA B 121 -24.77 0.55 6.99
CA ALA B 121 -24.92 0.69 8.45
C ALA B 121 -25.01 2.17 8.82
N LYS B 122 -25.27 2.45 10.09
CA LYS B 122 -25.40 3.82 10.54
C LYS B 122 -24.12 4.46 11.10
N THR B 123 -23.94 5.74 10.82
CA THR B 123 -22.78 6.45 11.34
C THR B 123 -23.09 6.73 12.81
N THR B 124 -22.26 6.24 13.71
CA THR B 124 -22.47 6.44 15.12
C THR B 124 -21.20 6.90 15.79
N PRO B 125 -21.30 7.91 16.67
CA PRO B 125 -20.14 8.44 17.39
C PRO B 125 -19.73 7.38 18.42
N PRO B 126 -18.45 7.37 18.82
CA PRO B 126 -18.05 6.36 19.81
C PRO B 126 -18.40 6.69 21.26
N SER B 127 -18.34 5.70 22.11
CA SER B 127 -18.59 5.89 23.53
C SER B 127 -17.22 5.58 24.11
N VAL B 128 -16.53 6.60 24.57
CA VAL B 128 -15.18 6.44 25.13
C VAL B 128 -15.24 6.15 26.64
N TYR B 129 -14.58 5.08 27.08
CA TYR B 129 -14.58 4.70 28.50
C TYR B 129 -13.17 4.60 29.02
N PRO B 130 -12.87 5.31 30.11
CA PRO B 130 -11.54 5.31 30.71
C PRO B 130 -11.16 4.03 31.44
N LEU B 131 -9.95 3.54 31.19
CA LEU B 131 -9.50 2.32 31.86
C LEU B 131 -8.47 2.68 32.91
N ALA B 132 -8.80 2.42 34.17
CA ALA B 132 -7.91 2.71 35.29
C ALA B 132 -7.74 1.44 36.10
N PRO B 133 -6.55 1.26 36.69
CA PRO B 133 -6.20 0.09 37.51
C PRO B 133 -6.89 0.00 38.88
N GLY B 134 -7.05 -1.22 39.38
CA GLY B 134 -7.66 -1.44 40.68
C GLY B 134 -6.60 -1.35 41.76
N SER B 135 -6.60 -2.32 42.66
CA SER B 135 -5.64 -2.32 43.77
C SER B 135 -4.42 -3.21 43.56
N ALA B 136 -4.07 -3.49 42.30
CA ALA B 136 -2.89 -4.31 42.01
C ALA B 136 -1.82 -3.53 41.24
N ALA B 137 -0.89 -4.27 40.63
CA ALA B 137 0.21 -3.69 39.85
C ALA B 137 0.75 -4.79 38.95
N GLN B 138 0.33 -4.78 37.70
CA GLN B 138 0.75 -5.77 36.70
C GLN B 138 2.18 -5.57 36.17
N THR B 139 2.86 -4.54 36.68
CA THR B 139 4.23 -4.20 36.30
C THR B 139 4.71 -3.13 37.28
N ASN B 140 5.16 -3.57 38.45
CA ASN B 140 5.63 -2.68 39.53
C ASN B 140 6.55 -1.55 39.09
N SER B 141 6.41 -0.38 39.73
CA SER B 141 7.24 0.79 39.43
C SER B 141 6.77 1.50 38.17
N MET B 142 5.67 1.03 37.60
CA MET B 142 5.12 1.62 36.40
C MET B 142 3.71 1.11 36.15
N VAL B 143 2.87 2.00 35.67
CA VAL B 143 1.49 1.64 35.42
C VAL B 143 1.12 1.63 33.96
N THR B 144 0.05 0.90 33.66
CA THR B 144 -0.50 0.82 32.31
C THR B 144 -1.95 1.30 32.40
N LEU B 145 -2.26 2.37 31.68
CA LEU B 145 -3.60 2.90 31.64
C LEU B 145 -4.15 2.60 30.25
N GLY B 146 -5.42 2.87 30.03
CA GLY B 146 -6.01 2.56 28.74
C GLY B 146 -7.30 3.30 28.49
N CYS B 147 -7.82 3.12 27.28
CA CYS B 147 -9.04 3.79 26.83
C CYS B 147 -9.86 2.84 25.97
N LEU B 148 -11.15 2.72 26.25
CA LEU B 148 -12.01 1.83 25.49
C LEU B 148 -12.93 2.67 24.64
N VAL B 149 -12.86 2.47 23.33
CA VAL B 149 -13.69 3.19 22.37
C VAL B 149 -14.73 2.23 21.79
N LYS B 150 -15.90 2.18 22.41
CA LYS B 150 -16.93 1.24 21.99
C LYS B 150 -18.12 1.75 21.22
N GLY B 151 -18.49 0.98 20.19
CA GLY B 151 -19.66 1.26 19.35
C GLY B 151 -19.67 2.43 18.38
N TYR B 152 -18.70 2.50 17.48
CA TYR B 152 -18.64 3.60 16.51
C TYR B 152 -18.69 3.09 15.08
N PHE B 153 -19.07 3.96 14.15
CA PHE B 153 -19.12 3.60 12.75
C PHE B 153 -19.28 4.86 11.92
N PRO B 154 -18.50 4.97 10.84
CA PRO B 154 -17.53 3.97 10.43
C PRO B 154 -16.11 4.28 10.88
N GLU B 155 -15.16 3.50 10.37
CA GLU B 155 -13.75 3.63 10.67
C GLU B 155 -13.31 4.85 9.88
N PRO B 156 -12.28 5.56 10.33
CA PRO B 156 -11.50 5.30 11.52
C PRO B 156 -11.74 6.31 12.63
N VAL B 157 -11.06 6.09 13.76
CA VAL B 157 -11.10 6.98 14.91
C VAL B 157 -9.62 7.18 15.13
N THR B 158 -9.24 8.20 15.88
CA THR B 158 -7.83 8.45 16.16
C THR B 158 -7.71 8.45 17.68
N VAL B 159 -6.58 7.99 18.21
CA VAL B 159 -6.39 7.96 19.66
C VAL B 159 -5.05 8.50 20.13
N THR B 160 -5.04 9.74 20.58
CA THR B 160 -3.79 10.32 21.05
C THR B 160 -3.83 10.30 22.55
N TRP B 161 -2.70 10.54 23.20
CA TRP B 161 -2.61 10.57 24.65
C TRP B 161 -2.00 11.89 25.14
N ASN B 162 -2.82 12.76 25.72
CA ASN B 162 -2.39 14.06 26.20
C ASN B 162 -2.08 14.92 25.01
N SER B 163 -3.07 15.10 24.15
CA SER B 163 -2.92 15.93 22.97
C SER B 163 -1.66 15.63 22.15
N GLY B 164 -1.28 14.37 22.06
CA GLY B 164 -0.10 14.07 21.26
C GLY B 164 1.21 14.14 22.00
N SER B 165 1.20 14.65 23.24
CA SER B 165 2.42 14.74 24.03
C SER B 165 2.92 13.37 24.50
N LEU B 166 2.02 12.40 24.51
CA LEU B 166 2.34 11.06 24.94
C LEU B 166 2.32 10.18 23.70
N SER B 167 3.49 9.68 23.31
CA SER B 167 3.65 8.83 22.12
C SER B 167 4.45 7.56 22.42
N SER B 168 5.18 7.55 23.52
CA SER B 168 5.97 6.38 23.88
C SER B 168 5.12 5.46 24.73
N GLY B 169 5.26 4.15 24.51
CA GLY B 169 4.49 3.19 25.28
C GLY B 169 3.01 3.18 24.96
N VAL B 170 2.67 3.50 23.72
CA VAL B 170 1.27 3.51 23.34
C VAL B 170 0.98 2.38 22.38
N HIS B 171 -0.09 1.64 22.66
CA HIS B 171 -0.54 0.53 21.82
C HIS B 171 -2.02 0.69 21.47
N THR B 172 -2.32 1.13 20.25
CA THR B 172 -3.71 1.24 19.84
C THR B 172 -3.97 -0.03 19.02
N PHE B 173 -4.83 -0.90 19.55
CA PHE B 173 -5.14 -2.18 18.92
C PHE B 173 -6.15 -2.00 17.82
N PRO B 174 -6.05 -2.83 16.77
CA PRO B 174 -6.97 -2.76 15.63
C PRO B 174 -8.43 -2.94 16.02
N ALA B 175 -9.31 -2.23 15.32
CA ALA B 175 -10.73 -2.30 15.61
C ALA B 175 -11.35 -3.60 15.16
N VAL B 176 -12.20 -4.17 16.03
CA VAL B 176 -12.90 -5.41 15.70
C VAL B 176 -14.38 -5.02 15.48
N LEU B 177 -15.02 -5.52 14.43
CA LEU B 177 -16.43 -5.17 14.18
C LEU B 177 -17.39 -6.13 14.84
N GLN B 178 -18.11 -5.63 15.84
CA GLN B 178 -19.07 -6.42 16.59
C GLN B 178 -20.50 -5.98 16.25
N SER B 179 -21.28 -6.90 15.70
CA SER B 179 -22.67 -6.63 15.33
C SER B 179 -22.91 -5.33 14.55
N ASP B 180 -22.10 -5.12 13.52
CA ASP B 180 -22.20 -3.95 12.64
C ASP B 180 -21.49 -2.68 13.15
N LEU B 181 -21.04 -2.67 14.41
CA LEU B 181 -20.36 -1.51 14.97
C LEU B 181 -18.87 -1.81 15.28
N TYR B 182 -18.10 -0.78 15.63
CA TYR B 182 -16.66 -0.94 15.92
C TYR B 182 -16.24 -0.63 17.35
N THR B 183 -15.31 -1.44 17.86
CA THR B 183 -14.80 -1.26 19.21
C THR B 183 -13.27 -1.38 19.25
N LEU B 184 -12.59 -0.37 19.78
CA LEU B 184 -11.15 -0.44 19.89
C LEU B 184 -10.69 0.03 21.25
N SER B 185 -9.45 -0.30 21.59
CA SER B 185 -8.90 0.11 22.86
C SER B 185 -7.46 0.54 22.62
N SER B 186 -6.92 1.34 23.52
CA SER B 186 -5.56 1.80 23.38
C SER B 186 -4.92 1.72 24.74
N SER B 187 -3.66 1.30 24.82
CA SER B 187 -3.01 1.23 26.11
C SER B 187 -1.85 2.20 26.15
N VAL B 188 -1.51 2.70 27.33
CA VAL B 188 -0.39 3.64 27.48
C VAL B 188 0.39 3.33 28.75
N THR B 189 1.66 2.98 28.63
CA THR B 189 2.50 2.65 29.78
C THR B 189 3.27 3.88 30.23
N VAL B 190 3.20 4.17 31.53
CA VAL B 190 3.89 5.32 32.09
C VAL B 190 4.50 4.99 33.44
N PRO B 191 5.54 5.73 33.83
CA PRO B 191 6.20 5.49 35.11
C PRO B 191 5.24 5.73 36.25
N SER B 192 5.23 4.82 37.23
CA SER B 192 4.35 4.94 38.39
C SER B 192 4.69 6.20 39.19
N SER B 193 5.80 6.83 38.85
CA SER B 193 6.22 8.04 39.54
C SER B 193 5.57 9.25 38.91
N THR B 194 4.98 9.04 37.73
CA THR B 194 4.34 10.09 36.95
C THR B 194 2.82 10.11 37.12
N TRP B 195 2.28 8.97 37.52
CA TRP B 195 0.84 8.82 37.73
C TRP B 195 0.62 8.20 39.09
N PRO B 196 -0.45 8.60 39.80
CA PRO B 196 -1.47 9.59 39.42
C PRO B 196 -1.17 11.07 39.62
N SER B 197 0.05 11.42 40.04
CA SER B 197 0.39 12.83 40.23
C SER B 197 0.09 13.65 38.96
N GLU B 198 0.74 13.31 37.86
CA GLU B 198 0.50 14.04 36.62
C GLU B 198 -0.71 13.41 35.93
N THR B 199 -1.67 14.22 35.53
CA THR B 199 -2.88 13.70 34.89
C THR B 199 -2.66 13.19 33.48
N VAL B 200 -3.39 12.14 33.11
CA VAL B 200 -3.30 11.53 31.79
C VAL B 200 -4.67 11.53 31.12
N THR B 201 -4.70 11.89 29.85
CA THR B 201 -5.95 11.95 29.10
C THR B 201 -5.72 11.33 27.75
N CYS B 202 -6.75 10.70 27.18
CA CYS B 202 -6.63 10.14 25.85
C CYS B 202 -7.64 10.89 24.96
N ASN B 203 -7.23 11.23 23.75
CA ASN B 203 -8.08 11.97 22.83
C ASN B 203 -8.65 11.07 21.74
N VAL B 204 -9.96 11.10 21.58
CA VAL B 204 -10.62 10.24 20.59
C VAL B 204 -11.37 11.08 19.55
N ALA B 205 -10.95 10.93 18.29
CA ALA B 205 -11.56 11.67 17.20
C ALA B 205 -12.24 10.73 16.21
N HIS B 206 -13.45 11.10 15.79
CA HIS B 206 -14.20 10.30 14.83
C HIS B 206 -14.76 11.20 13.76
N PRO B 207 -13.93 11.62 12.81
CA PRO B 207 -14.34 12.51 11.71
C PRO B 207 -15.69 12.16 11.06
N ALA B 208 -15.93 10.87 10.87
CA ALA B 208 -17.18 10.40 10.27
C ALA B 208 -18.41 11.05 10.87
N SER B 209 -18.37 11.38 12.16
CA SER B 209 -19.53 12.02 12.80
C SER B 209 -19.15 13.33 13.47
N SER B 210 -17.97 13.84 13.13
CA SER B 210 -17.46 15.07 13.72
C SER B 210 -17.58 15.14 15.25
N THR B 211 -17.07 14.11 15.92
CA THR B 211 -17.08 14.06 17.37
C THR B 211 -15.64 13.98 17.89
N LYS B 212 -15.32 14.82 18.87
CA LYS B 212 -14.00 14.83 19.48
C LYS B 212 -14.20 14.74 20.98
N VAL B 213 -13.68 13.67 21.57
CA VAL B 213 -13.82 13.45 23.00
C VAL B 213 -12.47 13.42 23.72
N ASP B 214 -12.50 13.70 25.01
CA ASP B 214 -11.30 13.69 25.86
C ASP B 214 -11.64 13.04 27.19
N LYS B 215 -10.99 11.92 27.52
CA LYS B 215 -11.26 11.25 28.78
C LYS B 215 -10.02 11.16 29.63
N LYS B 216 -10.10 11.72 30.85
CA LYS B 216 -8.97 11.69 31.79
C LYS B 216 -9.09 10.47 32.69
N ILE B 217 -7.96 9.85 32.95
CA ILE B 217 -7.95 8.66 33.78
C ILE B 217 -7.69 9.13 35.20
N VAL B 218 -8.62 8.79 36.10
CA VAL B 218 -8.53 9.16 37.51
C VAL B 218 -8.27 7.93 38.43
N ASN C 3 -1.94 20.92 -33.72
CA ASN C 3 -1.36 20.78 -35.08
C ASN C 3 -1.04 19.31 -35.36
N LYS C 4 -0.16 19.06 -36.32
CA LYS C 4 0.24 17.70 -36.64
C LYS C 4 1.65 17.67 -37.22
N ILE C 5 2.53 16.89 -36.60
CA ILE C 5 3.90 16.78 -37.09
C ILE C 5 3.89 15.87 -38.30
N LEU C 6 4.84 16.07 -39.20
CA LEU C 6 4.92 15.24 -40.40
C LEU C 6 6.00 14.18 -40.23
N VAL C 7 5.77 13.04 -40.89
CA VAL C 7 6.72 11.95 -40.83
C VAL C 7 6.97 11.37 -42.22
N LYS C 8 8.21 11.43 -42.66
CA LYS C 8 8.61 10.89 -43.94
C LYS C 8 9.59 9.74 -43.67
N GLN C 9 9.25 8.53 -44.08
CA GLN C 9 10.15 7.42 -43.86
C GLN C 9 10.34 6.63 -45.14
N SER C 10 11.45 5.89 -45.23
CA SER C 10 11.72 5.08 -46.41
C SER C 10 10.58 4.12 -46.64
N PRO C 11 10.26 3.83 -47.91
CA PRO C 11 9.17 2.91 -48.21
C PRO C 11 9.59 1.45 -47.90
N MET C 12 10.87 1.16 -48.10
CA MET C 12 11.40 -0.16 -47.79
C MET C 12 12.84 -0.14 -47.28
N LEU C 13 13.17 -1.18 -46.51
CA LEU C 13 14.49 -1.35 -45.93
C LEU C 13 14.79 -2.85 -45.88
N VAL C 14 15.81 -3.26 -46.60
CA VAL C 14 16.20 -4.68 -46.60
C VAL C 14 17.26 -4.79 -45.53
N ALA C 15 17.03 -5.65 -44.56
CA ALA C 15 17.98 -5.82 -43.48
C ALA C 15 19.26 -6.47 -43.95
N TYR C 16 20.38 -5.94 -43.51
CA TYR C 16 21.68 -6.48 -43.87
C TYR C 16 22.26 -7.05 -42.59
N ASP C 17 22.49 -8.37 -42.57
CA ASP C 17 23.05 -9.03 -41.41
C ASP C 17 22.03 -9.00 -40.26
N ASN C 18 20.75 -8.98 -40.63
CA ASN C 18 19.65 -8.95 -39.67
C ASN C 18 19.55 -7.65 -38.88
N ALA C 19 20.03 -6.57 -39.50
CA ALA C 19 19.96 -5.26 -38.88
C ALA C 19 19.53 -4.24 -39.93
N VAL C 20 19.12 -3.06 -39.47
CA VAL C 20 18.69 -2.02 -40.38
C VAL C 20 18.74 -0.67 -39.66
N ASN C 21 18.55 0.41 -40.40
CA ASN C 21 18.52 1.71 -39.76
C ASN C 21 17.27 2.43 -40.11
N LEU C 22 16.38 2.56 -39.14
CA LEU C 22 15.09 3.23 -39.31
C LEU C 22 15.18 4.73 -39.03
N SER C 23 15.29 5.53 -40.08
CA SER C 23 15.37 6.97 -39.92
C SER C 23 14.00 7.60 -40.15
N CYS C 24 13.58 8.43 -39.20
CA CYS C 24 12.29 9.11 -39.33
C CYS C 24 12.45 10.60 -39.46
N LYS C 25 11.98 11.12 -40.59
CA LYS C 25 12.08 12.52 -40.91
C LYS C 25 10.84 13.25 -40.39
N TYR C 26 11.04 14.18 -39.47
CA TYR C 26 9.90 14.90 -38.90
C TYR C 26 9.71 16.31 -39.45
N SER C 27 8.59 16.91 -39.08
CA SER C 27 8.25 18.26 -39.50
C SER C 27 8.39 19.02 -38.17
N TYR C 28 9.60 19.14 -37.62
CA TYR C 28 9.74 19.80 -36.34
C TYR C 28 11.15 20.08 -35.77
N ASN C 29 11.18 21.16 -34.99
CA ASN C 29 12.31 21.74 -34.24
C ASN C 29 13.75 21.74 -34.70
N LEU C 30 14.48 22.76 -34.23
CA LEU C 30 15.89 22.88 -34.49
C LEU C 30 16.36 21.90 -33.43
N PHE C 31 15.76 22.04 -32.24
CA PHE C 31 16.04 21.19 -31.08
C PHE C 31 15.63 21.74 -29.69
N SER C 32 15.56 20.83 -28.71
CA SER C 32 15.22 21.10 -27.30
C SER C 32 13.76 21.27 -26.83
N ARG C 33 13.18 20.13 -26.47
CA ARG C 33 11.82 20.00 -25.95
C ARG C 33 11.81 18.62 -25.30
N GLU C 34 10.74 18.26 -24.61
CA GLU C 34 10.68 16.93 -24.00
C GLU C 34 9.88 16.07 -24.99
N PHE C 35 10.51 15.04 -25.54
CA PHE C 35 9.85 14.19 -26.52
C PHE C 35 9.97 12.69 -26.31
N ARG C 36 9.02 11.97 -26.89
CA ARG C 36 8.98 10.54 -26.80
C ARG C 36 8.80 10.04 -28.22
N ALA C 37 9.84 9.46 -28.82
CA ALA C 37 9.73 8.94 -30.19
C ALA C 37 9.35 7.47 -30.09
N SER C 38 8.59 6.95 -31.05
CA SER C 38 8.14 5.55 -30.99
C SER C 38 8.09 4.77 -32.29
N LEU C 39 8.51 3.51 -32.25
CA LEU C 39 8.45 2.65 -33.44
C LEU C 39 7.46 1.54 -33.13
N HIS C 40 6.50 1.34 -34.02
CA HIS C 40 5.48 0.32 -33.82
C HIS C 40 5.43 -0.59 -35.01
N LYS C 41 5.35 -1.90 -34.75
CA LYS C 41 5.32 -2.88 -35.82
C LYS C 41 3.93 -3.51 -35.97
N GLY C 42 3.48 -3.64 -37.20
CA GLY C 42 2.17 -4.23 -37.43
C GLY C 42 1.15 -3.30 -38.07
N LEU C 43 0.32 -3.88 -38.93
CA LEU C 43 -0.73 -3.13 -39.61
C LEU C 43 -1.76 -2.69 -38.58
N ASP C 44 -1.85 -3.45 -37.49
CA ASP C 44 -2.77 -3.13 -36.41
C ASP C 44 -1.94 -2.49 -35.31
N SER C 45 -0.75 -2.03 -35.71
CA SER C 45 0.22 -1.38 -34.82
C SER C 45 0.29 -1.89 -33.39
N ALA C 46 0.03 -3.17 -33.20
CA ALA C 46 0.10 -3.76 -31.87
C ALA C 46 1.42 -3.39 -31.19
N VAL C 47 2.44 -4.21 -31.38
CA VAL C 47 3.75 -4.03 -30.73
C VAL C 47 4.50 -2.73 -30.93
N GLU C 48 4.98 -2.17 -29.82
CA GLU C 48 5.77 -0.94 -29.83
C GLU C 48 7.19 -1.45 -29.69
N VAL C 49 7.91 -1.50 -30.80
CA VAL C 49 9.27 -1.99 -30.86
C VAL C 49 10.31 -1.19 -30.06
N CYS C 50 10.26 0.13 -30.14
CA CYS C 50 11.23 0.96 -29.45
C CYS C 50 10.68 2.32 -29.05
N VAL C 51 11.25 2.91 -28.00
CA VAL C 51 10.87 4.23 -27.52
C VAL C 51 12.09 5.02 -27.06
N VAL C 52 12.49 5.97 -27.90
CA VAL C 52 13.63 6.85 -27.65
C VAL C 52 13.12 8.13 -27.01
N TYR C 53 13.42 8.32 -25.73
CA TYR C 53 12.98 9.50 -25.00
C TYR C 53 14.02 10.60 -24.88
N GLY C 54 13.56 11.82 -25.07
CA GLY C 54 14.46 12.95 -25.00
C GLY C 54 13.89 14.06 -24.13
N ASN C 55 14.76 14.88 -23.57
CA ASN C 55 14.33 15.92 -22.69
C ASN C 55 15.37 17.04 -22.68
N TYR C 56 15.37 17.80 -23.77
CA TYR C 56 16.31 18.88 -23.94
C TYR C 56 17.73 18.35 -23.98
N SER C 57 18.31 18.17 -22.79
CA SER C 57 19.67 17.69 -22.69
C SER C 57 19.66 16.20 -22.36
N GLN C 58 19.79 15.89 -21.07
CA GLN C 58 19.79 14.52 -20.55
C GLN C 58 19.85 13.44 -21.62
N GLN C 59 21.05 12.89 -21.84
CA GLN C 59 21.27 11.84 -22.84
C GLN C 59 20.00 11.10 -23.28
N LEU C 60 19.92 10.82 -24.58
CA LEU C 60 18.78 10.12 -25.17
C LEU C 60 18.66 8.76 -24.45
N GLN C 61 17.45 8.45 -23.98
CA GLN C 61 17.19 7.22 -23.24
C GLN C 61 16.33 6.24 -24.07
N VAL C 62 16.99 5.39 -24.85
CA VAL C 62 16.30 4.43 -25.70
C VAL C 62 15.97 3.13 -24.95
N TYR C 63 14.83 2.50 -25.28
CA TYR C 63 14.46 1.25 -24.63
C TYR C 63 13.36 0.47 -25.33
N SER C 64 13.23 -0.82 -24.97
CA SER C 64 12.22 -1.70 -25.54
C SER C 64 11.56 -2.60 -24.51
N LYS C 65 10.23 -2.68 -24.55
CA LYS C 65 9.52 -3.51 -23.59
C LYS C 65 9.20 -4.82 -24.28
N THR C 66 9.54 -4.90 -25.56
CA THR C 66 9.21 -6.06 -26.37
C THR C 66 10.37 -7.02 -26.69
N GLY C 67 11.54 -6.73 -26.15
CA GLY C 67 12.65 -7.63 -26.40
C GLY C 67 13.49 -7.31 -27.62
N PHE C 68 13.39 -6.08 -28.12
CA PHE C 68 14.18 -5.70 -29.29
C PHE C 68 15.51 -5.07 -28.89
N ASN C 69 16.56 -5.41 -29.62
CA ASN C 69 17.86 -4.82 -29.34
C ASN C 69 17.83 -3.48 -30.08
N CYS C 70 17.26 -2.46 -29.45
CA CYS C 70 17.14 -1.13 -30.06
C CYS C 70 18.15 -0.08 -29.63
N ASP C 71 18.53 0.75 -30.60
CA ASP C 71 19.47 1.84 -30.37
C ASP C 71 18.86 3.07 -31.03
N GLY C 72 18.99 4.24 -30.39
CA GLY C 72 18.43 5.45 -30.96
C GLY C 72 19.41 6.62 -31.07
N LYS C 73 19.38 7.30 -32.20
CA LYS C 73 20.25 8.45 -32.47
C LYS C 73 19.40 9.65 -32.88
N LEU C 74 19.55 10.77 -32.17
CA LEU C 74 18.76 11.97 -32.47
C LEU C 74 19.36 12.73 -33.64
N GLY C 75 18.70 13.82 -34.05
CA GLY C 75 19.18 14.63 -35.17
C GLY C 75 18.19 15.68 -35.63
N ASN C 76 18.03 16.75 -34.85
CA ASN C 76 17.15 17.84 -35.19
C ASN C 76 15.72 17.39 -35.43
N GLU C 77 15.34 17.29 -36.70
CA GLU C 77 13.99 16.88 -37.08
C GLU C 77 13.95 15.43 -37.52
N SER C 78 14.74 14.60 -36.84
CA SER C 78 14.77 13.18 -37.17
C SER C 78 15.29 12.32 -36.03
N VAL C 79 14.89 11.06 -36.05
CA VAL C 79 15.33 10.07 -35.07
C VAL C 79 15.66 8.84 -35.90
N THR C 80 16.67 8.07 -35.51
CA THR C 80 17.03 6.88 -36.26
C THR C 80 17.02 5.70 -35.33
N PHE C 81 16.24 4.68 -35.68
CA PHE C 81 16.16 3.50 -34.86
C PHE C 81 17.06 2.44 -35.45
N TYR C 82 18.11 2.06 -34.72
CA TYR C 82 19.07 1.05 -35.16
C TYR C 82 18.66 -0.30 -34.56
N LEU C 83 17.86 -1.06 -35.31
CA LEU C 83 17.39 -2.36 -34.86
C LEU C 83 18.36 -3.50 -35.17
N GLN C 84 18.89 -4.14 -34.14
CA GLN C 84 19.81 -5.27 -34.35
C GLN C 84 19.12 -6.63 -34.06
N ASN C 85 19.84 -7.72 -34.31
CA ASN C 85 19.31 -9.05 -34.11
C ASN C 85 17.84 -9.27 -34.53
N LEU C 86 17.43 -8.64 -35.63
CA LEU C 86 16.07 -8.81 -36.11
C LEU C 86 15.86 -10.20 -36.68
N TYR C 87 14.72 -10.81 -36.39
CA TYR C 87 14.45 -12.15 -36.92
C TYR C 87 13.78 -12.07 -38.29
N VAL C 88 13.95 -13.10 -39.10
CA VAL C 88 13.33 -13.10 -40.42
C VAL C 88 11.82 -13.06 -40.31
N ASN C 89 11.27 -13.47 -39.17
CA ASN C 89 9.82 -13.45 -38.99
C ASN C 89 9.31 -12.12 -38.46
N GLN C 90 10.21 -11.17 -38.39
CA GLN C 90 9.86 -9.83 -37.93
C GLN C 90 9.63 -8.92 -39.15
N THR C 91 9.72 -9.50 -40.36
CA THR C 91 9.53 -8.74 -41.60
C THR C 91 8.11 -8.17 -41.57
N ASP C 92 7.97 -6.84 -41.57
CA ASP C 92 6.64 -6.24 -41.45
C ASP C 92 6.67 -4.74 -41.73
N ILE C 93 5.55 -4.06 -41.52
CA ILE C 93 5.48 -2.63 -41.73
C ILE C 93 5.71 -2.06 -40.35
N TYR C 94 6.61 -1.09 -40.25
CA TYR C 94 6.92 -0.43 -38.99
C TYR C 94 6.49 1.03 -39.14
N PHE C 95 5.85 1.57 -38.13
CA PHE C 95 5.40 2.97 -38.19
C PHE C 95 6.07 3.82 -37.13
N CYS C 96 6.53 4.99 -37.55
CA CYS C 96 7.18 5.93 -36.65
C CYS C 96 6.16 6.80 -35.96
N LYS C 97 6.45 7.16 -34.70
CA LYS C 97 5.54 7.99 -33.92
C LYS C 97 6.32 9.01 -33.12
N ILE C 98 5.80 10.24 -33.04
CA ILE C 98 6.46 11.31 -32.27
C ILE C 98 5.48 12.17 -31.47
N GLU C 99 5.83 12.44 -30.22
CA GLU C 99 5.01 13.22 -29.32
C GLU C 99 5.85 14.13 -28.42
N VAL C 100 5.35 15.34 -28.21
CA VAL C 100 6.05 16.29 -27.37
C VAL C 100 5.17 16.43 -26.14
N MET C 101 5.80 16.38 -24.97
CA MET C 101 5.10 16.48 -23.69
C MET C 101 5.46 17.76 -22.92
N TYR C 102 6.36 18.55 -23.50
CA TYR C 102 6.82 19.80 -22.88
C TYR C 102 7.94 20.40 -23.72
N PRO C 103 7.90 21.71 -23.94
CA PRO C 103 6.85 22.57 -23.41
C PRO C 103 5.52 22.38 -24.17
N PRO C 104 4.40 22.60 -23.48
CA PRO C 104 3.04 22.46 -24.04
C PRO C 104 2.80 23.28 -25.29
N PRO C 105 1.71 22.98 -26.02
CA PRO C 105 0.75 21.91 -25.69
C PRO C 105 1.22 20.56 -26.26
N TYR C 106 0.48 19.51 -25.93
CA TYR C 106 0.82 18.18 -26.42
C TYR C 106 0.84 18.21 -27.94
N LEU C 107 1.85 17.61 -28.55
CA LEU C 107 1.97 17.59 -30.01
C LEU C 107 2.11 16.15 -30.50
N ASP C 108 1.43 15.81 -31.59
CA ASP C 108 1.48 14.45 -32.09
C ASP C 108 1.64 14.40 -33.60
N ASN C 109 2.04 13.23 -34.12
CA ASN C 109 2.25 13.07 -35.56
C ASN C 109 1.09 12.44 -36.32
N GLU C 110 0.99 12.78 -37.60
CA GLU C 110 -0.05 12.25 -38.46
C GLU C 110 0.48 10.94 -39.00
N LYS C 111 -0.22 9.87 -38.67
CA LYS C 111 0.10 8.51 -39.07
C LYS C 111 0.84 8.45 -40.41
N SER C 112 2.10 8.02 -40.37
CA SER C 112 2.91 7.93 -41.58
C SER C 112 2.49 6.84 -42.59
N ASN C 113 3.18 6.82 -43.74
CA ASN C 113 2.90 5.82 -44.76
C ASN C 113 3.60 4.52 -44.34
N GLY C 114 4.50 4.64 -43.37
CA GLY C 114 5.20 3.47 -42.85
C GLY C 114 6.45 3.06 -43.58
N THR C 115 7.02 1.92 -43.18
CA THR C 115 8.22 1.39 -43.82
C THR C 115 8.26 -0.12 -43.66
N ILE C 116 8.26 -0.83 -44.78
CA ILE C 116 8.30 -2.29 -44.77
C ILE C 116 9.73 -2.75 -44.56
N ILE C 117 9.99 -3.47 -43.48
CA ILE C 117 11.33 -3.97 -43.24
C ILE C 117 11.41 -5.44 -43.66
N HIS C 118 12.17 -5.74 -44.70
CA HIS C 118 12.29 -7.10 -45.18
C HIS C 118 13.54 -7.74 -44.62
N VAL C 119 13.35 -8.58 -43.59
CA VAL C 119 14.45 -9.27 -42.94
C VAL C 119 14.57 -10.62 -43.62
N LYS C 120 15.67 -10.83 -44.32
CA LYS C 120 15.91 -12.07 -45.06
C LYS C 120 16.70 -13.09 -44.25
#